data_1W9X
#
_entry.id   1W9X
#
_cell.length_a   48.180
_cell.length_b   75.847
_cell.length_c   155.230
_cell.angle_alpha   90.00
_cell.angle_beta   90.00
_cell.angle_gamma   90.00
#
_symmetry.space_group_name_H-M   'P 21 21 21'
#
loop_
_entity.id
_entity.type
_entity.pdbx_description
1 polymer 'ALPHA AMYLASE'
2 branched 4,6-dideoxy-4-{[(1S,4R,5S,6S)-4,5,6-trihydroxy-3-(hydroxymethyl)cyclohex-2-en-1-yl]amino}-alpha-D-glucopyranose-(1-4)-alpha-D-glucopyranose-(1-4)-alpha-D-glucopyranose-(1-4)-alpha-D-glucopyranose-(1-4)-4,6-dideoxy-4-{[(1S,4R,5S,6S)-4,5,6-trihydroxy-3-(hydroxymethyl)cyclohex-2-en-1-yl]amino}-alpha-D-glucopyranose-(1-4)-alpha-D-glucopyranose-(1-4)-beta-D-glucopyranose
3 non-polymer 'CALCIUM ION'
4 non-polymer 'SODIUM ION'
5 water water
#
_entity_poly.entity_id   1
_entity_poly.type   'polypeptide(L)'
_entity_poly.pdbx_seq_one_letter_code
;TNGTMMQYFEWHLPNDGQHWNRLRDDASNLRNRGITAIWIPPAWKGTSQNDVGYGAYDLYDLGEFNQKGTVRTKYGTRSQ
LESAIHALKNNGVQVYGDVVMNHKGGADATENVLAVEVNPNNRNQEISGDYTIEAWTKFDFPGRGNTYSDFKWRWYHFDG
VDWDQSRQFQNRIYKFRGDGKAWDWEVDSENGNYDYLMYADVDMDHPEVVNELRRWGEWYTNTLNLDGFRIDAVKHIKYS
FTRDWLTHVRNATGKEMFAVAEFWKNDLGALENYLNKTNWNHSVFDVPLHYNLYNASNSGGNYDMAKLLNGTVVQKHPMH
AVTFVDNHDSQPGESLESFVQEWFKPLAYALILTREQGYPSVFYGDYYGIPTHSVPAMKAKIDPILEARQNFAYGTQHDY
FDHHNIIGWTREGNTTHPNSGLATIMSDGPGGEKWMYVGQNKAGQVWHDITGNKPGTVTINADGWANFSVNGGSVSIWVK
R
;
_entity_poly.pdbx_strand_id   A
#
loop_
_chem_comp.id
_chem_comp.type
_chem_comp.name
_chem_comp.formula
AC1 D-saccharide 4,6-dideoxy-4-{[(1S,4R,5S,6S)-4,5,6-trihydroxy-3-(hydroxymethyl)cyclohex-2-en-1-yl]amino}-alpha-D-glucopyranose 'C13 H23 N O8'
BGC D-saccharide, beta linking beta-D-glucopyranose 'C6 H12 O6'
CA non-polymer 'CALCIUM ION' 'Ca 2'
GLC D-saccharide, alpha linking alpha-D-glucopyranose 'C6 H12 O6'
NA non-polymer 'SODIUM ION' 'Na 1'
#
# COMPACT_ATOMS: atom_id res chain seq x y z
N THR A 1 5.71 19.30 -10.12
CA THR A 1 4.31 18.84 -9.84
C THR A 1 4.26 17.68 -8.82
N ASN A 2 3.26 17.75 -7.93
CA ASN A 2 3.17 16.84 -6.79
C ASN A 2 2.74 15.43 -7.24
N GLY A 3 3.48 14.42 -6.83
CA GLY A 3 3.07 13.03 -7.12
C GLY A 3 1.98 12.51 -6.19
N THR A 4 1.00 11.80 -6.77
CA THR A 4 -0.08 11.15 -6.02
C THR A 4 -0.35 9.75 -6.55
N MET A 5 -0.32 8.76 -5.67
CA MET A 5 -0.58 7.36 -6.06
C MET A 5 -2.04 7.02 -5.74
N MET A 6 -2.64 6.12 -6.50
CA MET A 6 -3.92 5.58 -6.06
C MET A 6 -3.80 4.06 -5.97
N GLN A 7 -4.29 3.50 -4.87
CA GLN A 7 -4.49 2.05 -4.79
C GLN A 7 -5.76 1.70 -5.55
N TYR A 8 -5.64 1.05 -6.70
CA TYR A 8 -6.81 0.88 -7.58
C TYR A 8 -7.55 -0.47 -7.38
N PHE A 9 -7.90 -0.78 -6.13
CA PHE A 9 -8.75 -1.91 -5.82
C PHE A 9 -9.18 -1.86 -4.37
N GLU A 10 -10.21 -2.63 -4.04
CA GLU A 10 -10.56 -2.91 -2.64
C GLU A 10 -10.90 -4.40 -2.57
N TRP A 11 -11.09 -4.92 -1.35
CA TRP A 11 -11.18 -6.35 -1.15
C TRP A 11 -12.41 -6.95 -1.86
N HIS A 12 -13.50 -6.19 -1.83
CA HIS A 12 -14.79 -6.70 -2.24
C HIS A 12 -15.24 -6.30 -3.64
N LEU A 13 -14.29 -5.94 -4.51
CA LEU A 13 -14.64 -5.73 -5.90
C LEU A 13 -15.35 -6.98 -6.45
N PRO A 14 -16.32 -6.78 -7.38
CA PRO A 14 -17.04 -7.97 -7.91
C PRO A 14 -16.11 -8.83 -8.76
N ASN A 15 -16.36 -10.12 -8.73
CA ASN A 15 -15.71 -11.06 -9.64
C ASN A 15 -16.42 -11.11 -11.00
N ASP A 16 -16.19 -10.10 -11.82
CA ASP A 16 -16.89 -9.98 -13.09
C ASP A 16 -15.92 -9.83 -14.26
N GLY A 17 -14.62 -9.93 -13.98
CA GLY A 17 -13.59 -9.90 -15.01
C GLY A 17 -13.49 -8.57 -15.74
N GLN A 18 -14.08 -7.54 -15.12
CA GLN A 18 -14.26 -6.24 -15.75
C GLN A 18 -13.34 -5.15 -15.23
N HIS A 19 -12.50 -5.51 -14.27
CA HIS A 19 -11.74 -4.51 -13.57
C HIS A 19 -10.67 -3.86 -14.39
N TRP A 20 -9.97 -4.62 -15.22
CA TRP A 20 -8.97 -4.02 -16.12
C TRP A 20 -9.59 -3.02 -17.13
N ASN A 21 -10.81 -3.35 -17.58
CA ASN A 21 -11.60 -2.48 -18.47
C ASN A 21 -11.97 -1.18 -17.77
N ARG A 22 -12.45 -1.26 -16.51
CA ARG A 22 -12.75 -0.08 -15.69
C ARG A 22 -11.56 0.82 -15.58
N LEU A 23 -10.40 0.23 -15.29
CA LEU A 23 -9.17 0.99 -15.23
C LEU A 23 -8.84 1.69 -16.56
N ARG A 24 -8.92 0.96 -17.68
CA ARG A 24 -8.72 1.57 -19.02
C ARG A 24 -9.61 2.81 -19.21
N ASP A 25 -10.92 2.68 -18.91
CA ASP A 25 -11.88 3.79 -19.10
C ASP A 25 -11.61 5.01 -18.19
N ASP A 26 -10.99 4.78 -17.04
CA ASP A 26 -10.72 5.80 -16.02
C ASP A 26 -9.41 6.56 -16.22
N ALA A 27 -8.56 6.10 -17.14
CA ALA A 27 -7.20 6.63 -17.29
C ALA A 27 -7.09 8.17 -17.47
N SER A 28 -7.94 8.76 -18.33
CA SER A 28 -7.93 10.23 -18.55
C SER A 28 -8.40 10.98 -17.32
N ASN A 29 -9.51 10.48 -16.77
CA ASN A 29 -10.10 10.97 -15.56
C ASN A 29 -9.08 11.05 -14.40
N LEU A 30 -8.38 9.96 -14.11
CA LEU A 30 -7.36 9.95 -13.02
C LEU A 30 -6.26 10.98 -13.23
N ARG A 31 -5.67 11.00 -14.42
CA ARG A 31 -4.70 12.03 -14.82
C ARG A 31 -5.20 13.45 -14.55
N ASN A 32 -6.43 13.74 -14.96
CA ASN A 32 -7.02 15.07 -14.77
C ASN A 32 -7.25 15.44 -13.31
N ARG A 33 -7.60 14.45 -12.47
CA ARG A 33 -7.69 14.67 -11.01
C ARG A 33 -6.32 14.77 -10.26
N GLY A 34 -5.21 14.57 -10.97
CA GLY A 34 -3.88 14.68 -10.36
C GLY A 34 -3.21 13.37 -9.94
N ILE A 35 -3.82 12.23 -10.27
CA ILE A 35 -3.22 10.94 -9.96
C ILE A 35 -2.11 10.69 -10.96
N THR A 36 -0.90 10.45 -10.45
CA THR A 36 0.25 10.29 -11.31
C THR A 36 0.79 8.85 -11.35
N ALA A 37 0.25 7.98 -10.49
CA ALA A 37 0.70 6.56 -10.43
C ALA A 37 -0.39 5.68 -9.85
N ILE A 38 -0.52 4.47 -10.40
CA ILE A 38 -1.56 3.55 -10.04
C ILE A 38 -0.89 2.27 -9.50
N TRP A 39 -1.32 1.83 -8.33
CA TRP A 39 -0.96 0.51 -7.84
C TRP A 39 -2.09 -0.45 -8.16
N ILE A 40 -1.81 -1.40 -9.06
CA ILE A 40 -2.78 -2.41 -9.49
C ILE A 40 -2.76 -3.62 -8.57
N PRO A 41 -3.91 -4.29 -8.40
CA PRO A 41 -3.96 -5.51 -7.62
C PRO A 41 -3.09 -6.62 -8.23
N PRO A 42 -2.82 -7.68 -7.42
CA PRO A 42 -2.17 -8.89 -7.96
C PRO A 42 -2.74 -9.27 -9.34
N ALA A 43 -1.86 -9.32 -10.35
CA ALA A 43 -2.24 -9.52 -11.75
C ALA A 43 -2.27 -10.98 -12.21
N TRP A 44 -1.69 -11.88 -11.39
CA TRP A 44 -1.47 -13.30 -11.69
C TRP A 44 -2.60 -14.19 -11.14
N LYS A 45 -2.48 -15.48 -11.40
CA LYS A 45 -3.51 -16.44 -11.09
C LYS A 45 -3.41 -16.82 -9.63
N GLY A 46 -4.53 -16.72 -8.90
CA GLY A 46 -4.62 -17.13 -7.51
C GLY A 46 -5.13 -18.55 -7.39
N THR A 47 -5.60 -18.91 -6.20
CA THR A 47 -6.01 -20.28 -5.90
C THR A 47 -7.38 -20.60 -6.54
N SER A 48 -8.11 -19.54 -6.91
CA SER A 48 -9.35 -19.64 -7.67
C SER A 48 -9.60 -18.32 -8.39
N GLN A 49 -10.70 -18.30 -9.15
CA GLN A 49 -11.10 -17.13 -9.91
C GLN A 49 -11.44 -15.95 -9.02
N ASN A 50 -12.10 -16.19 -7.91
CA ASN A 50 -12.44 -15.10 -7.05
C ASN A 50 -11.35 -14.76 -6.01
N ASP A 51 -10.15 -15.32 -6.15
CA ASP A 51 -9.02 -14.97 -5.23
C ASP A 51 -8.64 -13.52 -5.52
N VAL A 52 -8.53 -12.71 -4.46
CA VAL A 52 -8.05 -11.31 -4.65
C VAL A 52 -6.66 -11.34 -5.30
N GLY A 53 -5.93 -12.43 -5.10
CA GLY A 53 -4.65 -12.65 -5.77
C GLY A 53 -3.46 -12.95 -4.84
N TYR A 54 -3.66 -12.72 -3.54
CA TYR A 54 -2.63 -12.97 -2.52
C TYR A 54 -2.42 -14.47 -2.24
N GLY A 55 -3.39 -15.30 -2.66
CA GLY A 55 -3.20 -16.76 -2.68
C GLY A 55 -2.51 -17.07 -3.99
N ALA A 56 -1.26 -16.75 -4.11
CA ALA A 56 -0.56 -16.62 -5.39
C ALA A 56 -0.16 -18.02 -5.93
N TYR A 57 -0.87 -18.50 -6.96
CA TYR A 57 -0.63 -19.83 -7.47
C TYR A 57 0.51 -19.83 -8.53
N ASP A 58 0.34 -19.03 -9.57
CA ASP A 58 1.31 -19.00 -10.66
C ASP A 58 1.57 -17.58 -11.10
N LEU A 59 2.73 -17.08 -10.70
CA LEU A 59 3.17 -15.73 -11.05
C LEU A 59 3.43 -15.46 -12.55
N TYR A 60 3.52 -16.51 -13.37
CA TYR A 60 3.67 -16.32 -14.81
C TYR A 60 2.36 -16.42 -15.60
N ASP A 61 1.23 -16.53 -14.89
CA ASP A 61 -0.07 -16.66 -15.54
C ASP A 61 -0.89 -15.39 -15.23
N LEU A 62 -0.84 -14.41 -16.13
CA LEU A 62 -1.54 -13.14 -15.91
C LEU A 62 -3.02 -13.12 -16.38
N GLY A 63 -3.72 -14.23 -16.15
CA GLY A 63 -5.05 -14.42 -16.70
C GLY A 63 -4.94 -14.82 -18.19
N GLU A 64 -4.01 -15.72 -18.51
CA GLU A 64 -3.93 -16.18 -19.89
C GLU A 64 -3.91 -17.68 -20.10
N PHE A 65 -3.78 -18.45 -19.01
CA PHE A 65 -3.81 -19.89 -19.08
C PHE A 65 -4.99 -20.46 -18.32
N ASN A 66 -5.45 -21.62 -18.76
CA ASN A 66 -6.54 -22.31 -18.12
C ASN A 66 -6.01 -23.13 -16.95
N GLN A 67 -6.07 -22.53 -15.77
CA GLN A 67 -5.58 -23.11 -14.52
C GLN A 67 -6.49 -22.69 -13.39
N LYS A 68 -6.65 -23.56 -12.40
CA LYS A 68 -7.52 -23.25 -11.26
C LYS A 68 -8.98 -23.02 -11.68
N GLY A 69 -9.37 -23.60 -12.82
CA GLY A 69 -10.76 -23.56 -13.28
C GLY A 69 -11.17 -22.29 -14.01
N THR A 70 -10.20 -21.54 -14.55
CA THR A 70 -10.50 -20.25 -15.15
C THR A 70 -9.33 -19.80 -16.02
N VAL A 71 -9.61 -19.04 -17.07
CA VAL A 71 -8.50 -18.45 -17.82
C VAL A 71 -8.17 -17.08 -17.21
N ARG A 72 -9.18 -16.21 -17.14
CA ARG A 72 -9.02 -14.88 -16.57
C ARG A 72 -8.79 -14.98 -15.03
N THR A 73 -8.08 -13.98 -14.50
CA THR A 73 -8.10 -13.71 -13.06
C THR A 73 -9.44 -13.09 -12.65
N LYS A 74 -9.56 -12.72 -11.38
CA LYS A 74 -10.71 -11.96 -10.87
C LYS A 74 -11.00 -10.71 -11.70
N TYR A 75 -9.92 -10.10 -12.16
CA TYR A 75 -9.91 -8.75 -12.72
C TYR A 75 -10.07 -8.69 -14.25
N GLY A 76 -9.68 -9.78 -14.93
CA GLY A 76 -9.77 -9.86 -16.39
C GLY A 76 -8.67 -10.71 -16.96
N THR A 77 -8.45 -10.59 -18.28
CA THR A 77 -7.44 -11.38 -18.99
C THR A 77 -6.18 -10.57 -19.18
N ARG A 78 -5.08 -11.24 -19.54
CA ARG A 78 -3.83 -10.57 -19.81
C ARG A 78 -3.95 -9.49 -20.89
N SER A 79 -4.69 -9.75 -21.98
CA SER A 79 -4.77 -8.67 -23.02
C SER A 79 -5.56 -7.43 -22.52
N GLN A 80 -6.62 -7.68 -21.76
CA GLN A 80 -7.33 -6.60 -21.06
C GLN A 80 -6.41 -5.80 -20.10
N LEU A 81 -5.55 -6.48 -19.33
CA LEU A 81 -4.58 -5.74 -18.52
C LEU A 81 -3.62 -4.89 -19.37
N GLU A 82 -3.04 -5.51 -20.41
CA GLU A 82 -2.11 -4.83 -21.31
C GLU A 82 -2.72 -3.57 -21.99
N SER A 83 -4.00 -3.57 -22.35
CA SER A 83 -4.56 -2.33 -22.92
C SER A 83 -4.86 -1.26 -21.87
N ALA A 84 -5.19 -1.68 -20.64
CA ALA A 84 -5.34 -0.73 -19.52
C ALA A 84 -4.03 -0.01 -19.28
N ILE A 85 -2.94 -0.76 -19.24
CA ILE A 85 -1.61 -0.18 -19.01
C ILE A 85 -1.21 0.80 -20.15
N HIS A 86 -1.57 0.45 -21.40
CA HIS A 86 -1.35 1.35 -22.55
C HIS A 86 -2.11 2.66 -22.37
N ALA A 87 -3.38 2.55 -22.00
CA ALA A 87 -4.20 3.72 -21.71
C ALA A 87 -3.55 4.60 -20.64
N LEU A 88 -3.10 3.99 -19.53
CA LEU A 88 -2.37 4.71 -18.48
C LEU A 88 -1.10 5.38 -18.98
N LYS A 89 -0.27 4.63 -19.68
CA LYS A 89 0.99 5.15 -20.21
C LYS A 89 0.76 6.32 -21.19
N ASN A 90 -0.33 6.24 -21.95
CA ASN A 90 -0.65 7.31 -22.92
C ASN A 90 -1.11 8.57 -22.23
N ASN A 91 -1.60 8.43 -20.99
CA ASN A 91 -2.03 9.56 -20.20
C ASN A 91 -1.00 10.05 -19.19
N GLY A 92 0.25 9.61 -19.31
CA GLY A 92 1.31 10.04 -18.42
C GLY A 92 1.23 9.51 -16.98
N VAL A 93 0.44 8.46 -16.78
CA VAL A 93 0.32 7.82 -15.45
C VAL A 93 1.24 6.60 -15.34
N GLN A 94 2.01 6.55 -14.26
CA GLN A 94 2.89 5.38 -13.94
C GLN A 94 2.15 4.17 -13.34
N VAL A 95 2.70 2.97 -13.57
CA VAL A 95 2.04 1.72 -13.10
C VAL A 95 2.96 0.94 -12.15
N TYR A 96 2.45 0.70 -10.93
CA TYR A 96 3.14 -0.11 -9.91
C TYR A 96 2.44 -1.46 -9.76
N GLY A 97 3.21 -2.53 -9.84
CA GLY A 97 2.68 -3.89 -9.69
C GLY A 97 2.82 -4.40 -8.27
N ASP A 98 1.83 -5.12 -7.77
CA ASP A 98 1.98 -5.82 -6.50
C ASP A 98 2.97 -6.99 -6.71
N VAL A 99 3.61 -7.41 -5.62
CA VAL A 99 4.67 -8.42 -5.67
C VAL A 99 4.51 -9.32 -4.44
N VAL A 100 4.12 -10.58 -4.71
CA VAL A 100 3.89 -11.55 -3.66
C VAL A 100 4.92 -12.69 -3.81
N MET A 101 5.95 -12.67 -2.96
CA MET A 101 7.00 -13.71 -3.00
C MET A 101 7.08 -14.55 -1.72
N ASN A 102 6.31 -14.23 -0.69
CA ASN A 102 6.48 -14.91 0.62
C ASN A 102 6.06 -16.39 0.56
N HIS A 103 5.04 -16.70 -0.21
CA HIS A 103 4.37 -17.98 -0.11
C HIS A 103 3.76 -18.32 -1.47
N LYS A 104 3.44 -19.60 -1.66
CA LYS A 104 2.68 -20.06 -2.82
C LYS A 104 1.54 -20.90 -2.32
N GLY A 105 0.34 -20.64 -2.85
CA GLY A 105 -0.83 -21.41 -2.46
C GLY A 105 -1.43 -22.17 -3.63
N GLY A 106 -2.30 -23.12 -3.32
CA GLY A 106 -3.02 -23.82 -4.39
C GLY A 106 -2.19 -24.86 -5.13
N ALA A 107 -1.28 -25.53 -4.43
CA ALA A 107 -0.47 -26.57 -5.07
C ALA A 107 -1.30 -27.54 -5.89
N ASP A 108 -0.72 -28.05 -6.98
CA ASP A 108 -1.33 -29.08 -7.82
C ASP A 108 -1.50 -30.45 -7.13
N ALA A 109 -0.57 -30.82 -6.23
CA ALA A 109 -0.64 -32.09 -5.51
C ALA A 109 0.15 -32.07 -4.20
N THR A 110 -0.08 -33.07 -3.36
CA THR A 110 0.64 -33.18 -2.11
C THR A 110 1.90 -34.02 -2.26
N GLU A 111 2.81 -33.89 -1.30
CA GLU A 111 4.00 -34.71 -1.21
C GLU A 111 4.10 -35.15 0.23
N ASN A 112 4.78 -36.27 0.46
CA ASN A 112 4.98 -36.76 1.81
C ASN A 112 6.31 -36.27 2.29
N VAL A 113 6.29 -35.52 3.37
CA VAL A 113 7.47 -34.77 3.78
C VAL A 113 7.67 -34.97 5.26
N LEU A 114 8.92 -35.18 5.62
CA LEU A 114 9.31 -35.27 7.03
C LEU A 114 9.35 -33.87 7.61
N ALA A 115 8.68 -33.69 8.75
CA ALA A 115 8.47 -32.36 9.31
C ALA A 115 8.51 -32.44 10.84
N VAL A 116 8.66 -31.31 11.52
CA VAL A 116 8.51 -31.24 12.97
C VAL A 116 7.52 -30.10 13.23
N GLU A 117 6.71 -30.22 14.27
CA GLU A 117 5.85 -29.13 14.65
C GLU A 117 6.58 -28.08 15.47
N VAL A 118 6.19 -26.83 15.28
CA VAL A 118 6.71 -25.75 16.11
C VAL A 118 5.57 -25.03 16.79
N ASN A 119 5.94 -24.33 17.85
CA ASN A 119 5.01 -23.55 18.62
C ASN A 119 4.56 -22.30 17.83
N PRO A 120 3.24 -22.17 17.58
CA PRO A 120 2.74 -21.02 16.82
C PRO A 120 3.11 -19.67 17.42
N ASN A 121 3.27 -19.62 18.75
CA ASN A 121 3.62 -18.39 19.47
C ASN A 121 5.12 -18.26 19.65
N ASN A 122 5.85 -19.29 19.24
CA ASN A 122 7.30 -19.26 19.25
C ASN A 122 7.82 -20.24 18.25
N ARG A 123 8.03 -19.81 17.00
CA ARG A 123 8.35 -20.75 15.92
C ARG A 123 9.79 -21.28 16.05
N ASN A 124 10.56 -20.74 17.00
CA ASN A 124 11.91 -21.28 17.29
C ASN A 124 11.88 -22.57 18.15
N GLN A 125 10.71 -22.87 18.74
CA GLN A 125 10.53 -24.02 19.67
C GLN A 125 9.88 -25.20 18.97
N GLU A 126 10.60 -26.31 18.85
CA GLU A 126 10.06 -27.56 18.31
C GLU A 126 9.25 -28.28 19.39
N ILE A 127 8.01 -28.68 19.04
CA ILE A 127 7.10 -29.22 20.06
C ILE A 127 6.62 -30.66 19.78
N SER A 128 7.20 -31.31 18.77
CA SER A 128 6.86 -32.71 18.51
C SER A 128 8.15 -33.43 18.08
N GLY A 129 8.10 -34.76 18.01
CA GLY A 129 9.13 -35.54 17.29
C GLY A 129 8.94 -35.35 15.78
N ASP A 130 9.90 -35.81 14.98
CA ASP A 130 9.74 -35.75 13.54
C ASP A 130 8.68 -36.73 13.09
N TYR A 131 7.86 -36.35 12.11
CA TYR A 131 6.99 -37.34 11.44
C TYR A 131 6.57 -36.86 10.06
N THR A 132 5.98 -37.78 9.29
CA THR A 132 5.65 -37.52 7.89
C THR A 132 4.26 -36.90 7.77
N ILE A 133 4.20 -35.80 7.02
CA ILE A 133 2.93 -35.12 6.73
C ILE A 133 2.65 -35.14 5.24
N GLU A 134 1.41 -34.89 4.87
CA GLU A 134 1.04 -34.76 3.47
C GLU A 134 0.91 -33.26 3.20
N ALA A 135 1.87 -32.69 2.48
CA ALA A 135 2.00 -31.21 2.39
C ALA A 135 1.67 -30.76 0.97
N TRP A 136 1.02 -29.61 0.82
CA TRP A 136 0.70 -29.10 -0.52
C TRP A 136 1.86 -28.27 -1.08
N THR A 137 2.83 -28.96 -1.74
CA THR A 137 4.09 -28.34 -2.14
C THR A 137 4.44 -28.56 -3.62
N LYS A 138 3.62 -29.34 -4.32
CA LYS A 138 3.95 -29.71 -5.69
C LYS A 138 3.19 -28.86 -6.70
N PHE A 139 3.92 -28.06 -7.47
CA PHE A 139 3.37 -27.14 -8.48
C PHE A 139 3.95 -27.52 -9.83
N ASP A 140 3.12 -27.94 -10.77
CA ASP A 140 3.59 -28.28 -12.14
C ASP A 140 3.01 -27.35 -13.21
N PHE A 141 1.93 -26.65 -12.84
CA PHE A 141 1.32 -25.63 -13.71
C PHE A 141 0.83 -26.32 -14.99
N PRO A 142 -0.13 -27.26 -14.86
CA PRO A 142 -0.54 -28.08 -16.01
C PRO A 142 -1.15 -27.26 -17.18
N GLY A 143 -1.81 -26.15 -16.85
CA GLY A 143 -2.45 -25.29 -17.87
C GLY A 143 -1.44 -24.52 -18.69
N ARG A 144 -0.31 -24.17 -18.09
CA ARG A 144 0.68 -23.32 -18.73
C ARG A 144 1.81 -24.09 -19.43
N GLY A 145 2.07 -25.32 -18.97
CA GLY A 145 3.24 -26.08 -19.41
C GLY A 145 4.52 -25.34 -19.05
N ASN A 146 5.44 -25.25 -20.01
CA ASN A 146 6.72 -24.60 -19.81
C ASN A 146 6.86 -23.21 -20.46
N THR A 147 5.72 -22.63 -20.87
CA THR A 147 5.70 -21.27 -21.48
C THR A 147 6.25 -20.23 -20.49
N TYR A 148 7.22 -19.44 -20.96
CA TYR A 148 7.91 -18.40 -20.15
C TYR A 148 8.82 -18.96 -19.07
N SER A 149 8.45 -20.08 -18.44
CA SER A 149 9.32 -20.66 -17.39
C SER A 149 9.17 -22.19 -17.26
N ASP A 150 10.28 -22.92 -17.19
CA ASP A 150 10.20 -24.38 -16.96
C ASP A 150 10.42 -24.77 -15.48
N PHE A 151 10.48 -23.78 -14.60
CA PHE A 151 10.70 -24.04 -13.16
C PHE A 151 9.50 -24.72 -12.51
N LYS A 152 9.74 -25.83 -11.83
CA LYS A 152 8.70 -26.53 -11.08
C LYS A 152 9.02 -26.40 -9.59
N TRP A 153 8.00 -26.32 -8.75
CA TRP A 153 8.24 -26.16 -7.30
C TRP A 153 8.02 -27.48 -6.61
N ARG A 154 8.84 -27.78 -5.61
CA ARG A 154 8.72 -29.00 -4.84
C ARG A 154 8.92 -28.71 -3.38
N TRP A 155 8.65 -29.69 -2.51
CA TRP A 155 8.72 -29.46 -1.08
C TRP A 155 10.05 -28.77 -0.69
N TYR A 156 11.17 -29.09 -1.37
CA TYR A 156 12.50 -28.63 -0.91
C TYR A 156 12.74 -27.14 -1.23
N HIS A 157 11.83 -26.52 -1.98
CA HIS A 157 11.86 -25.05 -2.21
C HIS A 157 11.16 -24.24 -1.10
N PHE A 158 10.61 -24.95 -0.11
CA PHE A 158 9.79 -24.38 0.93
C PHE A 158 10.36 -24.68 2.31
N ASP A 159 10.06 -23.83 3.27
CA ASP A 159 10.50 -24.07 4.65
C ASP A 159 9.47 -24.79 5.49
N GLY A 160 8.19 -24.63 5.15
CA GLY A 160 7.13 -25.24 5.98
C GLY A 160 5.74 -24.87 5.48
N VAL A 161 4.74 -25.44 6.15
CA VAL A 161 3.32 -25.32 5.78
C VAL A 161 2.53 -25.31 7.11
N ASP A 162 1.26 -24.95 7.06
CA ASP A 162 0.42 -24.99 8.25
C ASP A 162 -0.71 -26.03 8.08
N TRP A 163 -0.58 -26.95 7.15
CA TRP A 163 -1.66 -27.88 6.86
C TRP A 163 -1.10 -29.23 6.47
N ASP A 164 -1.52 -30.26 7.25
CA ASP A 164 -1.23 -31.66 6.97
C ASP A 164 -2.50 -32.31 6.40
N GLN A 165 -2.51 -32.57 5.11
CA GLN A 165 -3.72 -33.10 4.45
C GLN A 165 -4.20 -34.44 5.04
N SER A 166 -3.30 -35.21 5.63
CA SER A 166 -3.68 -36.49 6.21
C SER A 166 -4.35 -36.43 7.59
N ARG A 167 -4.20 -35.34 8.34
CA ARG A 167 -4.70 -35.31 9.72
C ARG A 167 -5.60 -34.10 9.96
N GLN A 168 -5.29 -33.00 9.28
CA GLN A 168 -6.17 -31.84 9.20
C GLN A 168 -6.46 -31.14 10.52
N PHE A 169 -5.43 -31.00 11.35
CA PHE A 169 -5.48 -30.19 12.57
C PHE A 169 -5.29 -28.70 12.27
N GLN A 170 -5.98 -27.86 13.05
CA GLN A 170 -5.81 -26.40 13.05
C GLN A 170 -4.78 -25.95 14.08
N ASN A 171 -4.31 -24.71 13.94
CA ASN A 171 -3.33 -24.11 14.84
C ASN A 171 -2.00 -24.91 14.96
N ARG A 172 -1.60 -25.53 13.85
CA ARG A 172 -0.27 -26.15 13.77
C ARG A 172 0.58 -25.48 12.70
N ILE A 173 1.88 -25.45 12.94
CA ILE A 173 2.85 -24.99 11.93
C ILE A 173 3.89 -26.09 11.84
N TYR A 174 4.22 -26.51 10.61
CA TYR A 174 5.17 -27.60 10.37
C TYR A 174 6.41 -27.07 9.68
N LYS A 175 7.57 -27.27 10.31
CA LYS A 175 8.85 -26.98 9.71
C LYS A 175 9.41 -28.25 9.04
N PHE A 176 9.80 -28.14 7.78
CA PHE A 176 10.36 -29.28 7.05
C PHE A 176 11.77 -29.64 7.57
N ARG A 177 12.09 -30.93 7.53
CA ARG A 177 13.42 -31.44 7.85
C ARG A 177 14.24 -31.53 6.58
N GLY A 178 15.55 -31.58 6.67
CA GLY A 178 16.36 -31.67 5.46
C GLY A 178 17.61 -30.86 5.68
N ASP A 179 18.54 -30.97 4.76
CA ASP A 179 19.82 -30.37 4.98
C ASP A 179 19.78 -28.87 4.87
N GLY A 180 20.18 -28.19 5.95
CA GLY A 180 20.11 -26.73 5.97
C GLY A 180 18.68 -26.16 5.97
N LYS A 181 17.71 -26.93 6.46
CA LYS A 181 16.34 -26.45 6.56
C LYS A 181 16.18 -25.70 7.86
N ALA A 182 15.86 -24.42 7.76
CA ALA A 182 15.54 -23.56 8.89
C ALA A 182 14.70 -22.35 8.42
N TRP A 183 13.98 -21.71 9.34
CA TRP A 183 13.30 -20.46 9.05
C TRP A 183 14.38 -19.48 8.65
N ASP A 184 14.06 -18.62 7.68
CA ASP A 184 14.99 -17.58 7.24
C ASP A 184 15.26 -16.52 8.31
N TRP A 185 16.39 -15.84 8.18
CA TRP A 185 16.83 -14.78 9.06
C TRP A 185 17.63 -13.83 8.14
N GLU A 186 17.50 -12.51 8.27
CA GLU A 186 16.66 -11.80 9.26
C GLU A 186 15.22 -11.60 8.81
N VAL A 187 14.27 -11.89 9.72
CA VAL A 187 12.83 -11.58 9.52
C VAL A 187 12.34 -10.93 10.82
N ASP A 188 11.09 -10.46 10.86
CA ASP A 188 10.55 -9.90 12.10
C ASP A 188 10.52 -10.94 13.20
N SER A 189 10.72 -10.50 14.45
CA SER A 189 10.87 -11.44 15.56
C SER A 189 9.58 -11.67 16.38
N GLU A 190 8.47 -11.06 15.98
CA GLU A 190 7.18 -11.40 16.64
C GLU A 190 6.90 -12.90 16.42
N ASN A 191 6.45 -13.55 17.50
CA ASN A 191 6.31 -15.02 17.59
C ASN A 191 7.67 -15.73 17.52
N GLY A 192 8.74 -15.08 17.99
CA GLY A 192 10.06 -15.72 17.93
C GLY A 192 10.71 -15.51 16.58
N ASN A 193 10.09 -16.02 15.53
CA ASN A 193 10.53 -15.85 14.15
C ASN A 193 9.29 -15.79 13.30
N TYR A 194 9.05 -14.68 12.62
CA TYR A 194 7.83 -14.55 11.82
C TYR A 194 8.03 -14.87 10.32
N ASP A 195 9.00 -15.72 9.98
CA ASP A 195 9.13 -16.19 8.58
C ASP A 195 7.80 -16.81 8.11
N TYR A 196 7.19 -17.69 8.89
CA TYR A 196 5.99 -18.41 8.43
C TYR A 196 4.75 -17.50 8.60
N LEU A 197 3.96 -17.32 7.53
CA LEU A 197 2.67 -16.59 7.60
C LEU A 197 1.45 -17.47 7.20
N MET A 198 1.49 -18.00 5.98
CA MET A 198 0.38 -18.81 5.49
C MET A 198 0.84 -19.61 4.27
N TYR A 199 0.00 -20.58 3.84
CA TYR A 199 0.28 -21.41 2.65
C TYR A 199 1.64 -22.13 2.77
N ALA A 200 2.33 -22.32 1.64
CA ALA A 200 3.65 -22.94 1.66
C ALA A 200 4.69 -21.83 1.70
N ASP A 201 5.52 -21.80 2.73
CA ASP A 201 6.46 -20.71 2.90
C ASP A 201 7.72 -20.90 2.05
N VAL A 202 8.00 -19.91 1.21
CA VAL A 202 9.21 -19.94 0.33
C VAL A 202 10.53 -19.90 1.12
N ASP A 203 11.44 -20.81 0.78
CA ASP A 203 12.77 -20.91 1.38
C ASP A 203 13.72 -19.94 0.68
N MET A 204 13.95 -18.78 1.30
CA MET A 204 14.79 -17.76 0.69
C MET A 204 16.29 -18.10 0.80
N ASP A 205 16.62 -19.14 1.56
CA ASP A 205 17.99 -19.67 1.63
C ASP A 205 18.34 -20.52 0.37
N HIS A 206 17.34 -20.99 -0.39
CA HIS A 206 17.59 -21.95 -1.45
C HIS A 206 18.06 -21.25 -2.75
N PRO A 207 19.30 -21.55 -3.20
CA PRO A 207 19.84 -20.76 -4.33
C PRO A 207 19.02 -20.87 -5.63
N GLU A 208 18.33 -21.98 -5.90
CA GLU A 208 17.46 -22.03 -7.10
C GLU A 208 16.24 -21.10 -7.00
N VAL A 209 15.72 -20.97 -5.77
CA VAL A 209 14.58 -20.08 -5.49
C VAL A 209 15.02 -18.63 -5.74
N VAL A 210 16.13 -18.24 -5.13
CA VAL A 210 16.64 -16.88 -5.29
C VAL A 210 16.77 -16.52 -6.79
N ASN A 211 17.38 -17.42 -7.56
CA ASN A 211 17.52 -17.24 -9.02
C ASN A 211 16.21 -17.18 -9.77
N GLU A 212 15.27 -18.05 -9.41
CA GLU A 212 13.99 -18.03 -10.07
C GLU A 212 13.21 -16.72 -9.82
N LEU A 213 13.23 -16.25 -8.57
CA LEU A 213 12.48 -15.05 -8.20
C LEU A 213 13.09 -13.80 -8.85
N ARG A 214 14.41 -13.75 -8.96
CA ARG A 214 15.08 -12.63 -9.64
C ARG A 214 14.71 -12.56 -11.10
N ARG A 215 14.63 -13.73 -11.72
CA ARG A 215 14.31 -13.83 -13.12
C ARG A 215 12.83 -13.56 -13.36
N TRP A 216 11.96 -14.04 -12.47
CA TRP A 216 10.55 -13.70 -12.59
C TRP A 216 10.39 -12.15 -12.51
N GLY A 217 11.11 -11.53 -11.60
CA GLY A 217 11.14 -10.07 -11.44
C GLY A 217 11.40 -9.27 -12.71
N GLU A 218 12.45 -9.62 -13.47
CA GLU A 218 12.71 -9.03 -14.81
C GLU A 218 11.58 -9.30 -15.75
N TRP A 219 11.15 -10.56 -15.84
CA TRP A 219 10.08 -10.92 -16.76
C TRP A 219 8.80 -10.11 -16.52
N TYR A 220 8.38 -10.05 -15.25
CA TYR A 220 7.17 -9.31 -14.84
C TYR A 220 7.29 -7.82 -15.23
N THR A 221 8.42 -7.22 -14.89
CA THR A 221 8.70 -5.85 -15.19
C THR A 221 8.61 -5.56 -16.70
N ASN A 222 9.28 -6.40 -17.50
CA ASN A 222 9.30 -6.28 -18.97
C ASN A 222 8.01 -6.64 -19.64
N THR A 223 7.36 -7.69 -19.20
CA THR A 223 6.09 -8.06 -19.83
C THR A 223 5.04 -6.95 -19.72
N LEU A 224 5.08 -6.20 -18.63
CA LEU A 224 4.00 -5.25 -18.35
C LEU A 224 4.48 -3.81 -18.37
N ASN A 225 5.76 -3.59 -18.70
CA ASN A 225 6.36 -2.25 -18.69
C ASN A 225 6.03 -1.50 -17.37
N LEU A 226 6.30 -2.16 -16.24
CA LEU A 226 6.04 -1.54 -14.92
C LEU A 226 7.04 -0.43 -14.53
N ASP A 227 6.58 0.59 -13.81
CA ASP A 227 7.45 1.68 -13.33
C ASP A 227 7.88 1.46 -11.89
N GLY A 228 7.24 0.51 -11.21
CA GLY A 228 7.65 0.21 -9.86
C GLY A 228 6.80 -0.87 -9.23
N PHE A 229 6.96 -1.02 -7.91
CA PHE A 229 6.34 -2.14 -7.20
C PHE A 229 5.75 -1.72 -5.89
N ARG A 230 4.73 -2.45 -5.47
CA ARG A 230 4.34 -2.52 -4.07
C ARG A 230 4.71 -3.95 -3.62
N ILE A 231 5.55 -4.07 -2.60
CA ILE A 231 6.02 -5.39 -2.19
C ILE A 231 5.26 -5.92 -0.94
N ASP A 232 4.65 -7.09 -1.08
CA ASP A 232 3.79 -7.69 -0.06
C ASP A 232 4.55 -8.36 1.07
N ALA A 233 4.08 -8.16 2.32
CA ALA A 233 4.42 -9.04 3.42
C ALA A 233 5.95 -9.10 3.73
N VAL A 234 6.64 -7.96 3.72
CA VAL A 234 8.12 -7.97 3.80
C VAL A 234 8.66 -8.32 5.18
N LYS A 235 7.82 -8.28 6.20
CA LYS A 235 8.33 -8.68 7.52
C LYS A 235 8.56 -10.19 7.66
N HIS A 236 7.96 -10.96 6.74
CA HIS A 236 8.01 -12.43 6.68
C HIS A 236 9.01 -12.93 5.63
N ILE A 237 9.78 -11.99 5.06
CA ILE A 237 10.73 -12.32 3.97
C ILE A 237 12.13 -11.83 4.39
N LYS A 238 13.13 -12.71 4.23
CA LYS A 238 14.47 -12.42 4.65
C LYS A 238 14.87 -11.00 4.16
N TYR A 239 15.26 -10.09 5.05
CA TYR A 239 15.43 -8.69 4.66
C TYR A 239 16.48 -8.49 3.52
N SER A 240 17.61 -9.18 3.62
CA SER A 240 18.66 -9.01 2.61
C SER A 240 18.24 -9.55 1.25
N PHE A 241 17.35 -10.55 1.25
CA PHE A 241 16.81 -11.01 0.01
C PHE A 241 16.01 -9.88 -0.69
N THR A 242 15.14 -9.19 0.04
CA THR A 242 14.33 -8.09 -0.55
C THR A 242 15.24 -6.95 -1.09
N ARG A 243 16.18 -6.51 -0.28
CA ARG A 243 17.19 -5.53 -0.68
C ARG A 243 17.87 -5.89 -2.02
N ASP A 244 18.37 -7.12 -2.14
CA ASP A 244 19.17 -7.51 -3.31
C ASP A 244 18.31 -7.89 -4.49
N TRP A 245 17.08 -8.33 -4.25
CA TRP A 245 16.15 -8.60 -5.33
C TRP A 245 15.84 -7.31 -6.08
N LEU A 246 15.58 -6.25 -5.32
CA LEU A 246 15.20 -4.96 -5.88
C LEU A 246 16.36 -4.39 -6.71
N THR A 247 17.56 -4.42 -6.15
CA THR A 247 18.81 -4.02 -6.86
C THR A 247 19.01 -4.81 -8.15
N HIS A 248 18.88 -6.13 -8.07
CA HIS A 248 18.91 -6.95 -9.27
C HIS A 248 17.97 -6.51 -10.39
N VAL A 249 16.69 -6.31 -10.04
CA VAL A 249 15.69 -5.96 -11.04
C VAL A 249 15.95 -4.55 -11.63
N ARG A 250 16.38 -3.62 -10.78
CA ARG A 250 16.76 -2.30 -11.24
C ARG A 250 17.97 -2.35 -12.20
N ASN A 251 19.02 -3.06 -11.81
CA ASN A 251 20.19 -3.28 -12.69
C ASN A 251 19.86 -3.97 -13.99
N ALA A 252 19.07 -5.03 -13.95
CA ALA A 252 18.77 -5.80 -15.15
C ALA A 252 17.89 -5.06 -16.15
N THR A 253 17.01 -4.18 -15.67
CA THR A 253 16.07 -3.50 -16.58
C THR A 253 16.55 -2.11 -17.01
N GLY A 254 17.52 -1.56 -16.29
CA GLY A 254 17.96 -0.21 -16.54
C GLY A 254 17.03 0.90 -16.05
N LYS A 255 15.93 0.54 -15.37
CA LYS A 255 14.97 1.53 -14.86
C LYS A 255 15.12 1.76 -13.35
N GLU A 256 14.82 2.98 -12.91
CA GLU A 256 14.86 3.39 -11.49
C GLU A 256 13.96 2.57 -10.51
N MET A 257 12.82 2.08 -10.99
CA MET A 257 11.83 1.34 -10.20
C MET A 257 11.63 1.87 -8.77
N PHE A 258 10.67 2.75 -8.60
CA PHE A 258 10.20 3.07 -7.25
C PHE A 258 9.61 1.81 -6.59
N ALA A 259 9.84 1.64 -5.29
CA ALA A 259 9.19 0.56 -4.56
C ALA A 259 8.75 0.99 -3.17
N VAL A 260 7.58 0.52 -2.77
CA VAL A 260 7.10 0.70 -1.40
C VAL A 260 6.81 -0.70 -0.83
N ALA A 261 7.26 -0.91 0.39
CA ALA A 261 7.12 -2.21 1.03
C ALA A 261 6.07 -2.14 2.11
N GLU A 262 5.22 -3.15 2.16
CA GLU A 262 4.27 -3.30 3.28
C GLU A 262 4.90 -4.02 4.45
N PHE A 263 5.33 -3.25 5.43
CA PHE A 263 5.80 -3.84 6.67
C PHE A 263 4.76 -3.51 7.74
N TRP A 264 3.86 -4.43 8.05
CA TRP A 264 2.71 -4.07 8.89
C TRP A 264 3.02 -4.19 10.37
N LYS A 265 3.42 -3.09 10.97
CA LYS A 265 3.71 -3.10 12.37
C LYS A 265 3.59 -1.68 12.82
N ASN A 266 2.82 -1.48 13.90
CA ASN A 266 2.66 -0.16 14.46
C ASN A 266 3.83 0.16 15.41
N ASP A 267 5.03 0.32 14.85
CA ASP A 267 6.24 0.38 15.65
C ASP A 267 7.32 1.05 14.79
N LEU A 268 7.57 2.33 15.04
CA LEU A 268 8.58 3.07 14.30
C LEU A 268 10.00 2.41 14.40
N GLY A 269 10.37 1.87 15.56
CA GLY A 269 11.64 1.16 15.72
C GLY A 269 11.83 -0.03 14.78
N ALA A 270 10.82 -0.91 14.69
CA ALA A 270 10.88 -2.04 13.79
C ALA A 270 11.03 -1.60 12.32
N LEU A 271 10.34 -0.50 11.95
CA LEU A 271 10.39 0.03 10.59
C LEU A 271 11.79 0.62 10.25
N GLU A 272 12.39 1.34 11.21
CA GLU A 272 13.77 1.83 11.04
C GLU A 272 14.79 0.71 10.91
N ASN A 273 14.62 -0.38 11.68
CA ASN A 273 15.47 -1.56 11.54
C ASN A 273 15.40 -2.11 10.12
N TYR A 274 14.18 -2.33 9.64
CA TYR A 274 13.95 -2.78 8.29
C TYR A 274 14.65 -1.85 7.26
N LEU A 275 14.46 -0.54 7.40
CA LEU A 275 15.01 0.41 6.41
C LEU A 275 16.56 0.38 6.46
N ASN A 276 17.15 0.26 7.64
CA ASN A 276 18.61 0.12 7.77
C ASN A 276 19.13 -1.17 7.13
N LYS A 277 18.43 -2.29 7.40
CA LYS A 277 18.83 -3.59 6.85
C LYS A 277 18.65 -3.70 5.37
N THR A 278 17.79 -2.87 4.78
CA THR A 278 17.63 -2.87 3.33
C THR A 278 18.36 -1.66 2.71
N ASN A 279 19.21 -1.00 3.49
CA ASN A 279 20.07 0.09 2.95
C ASN A 279 19.32 1.30 2.36
N TRP A 280 18.11 1.57 2.86
CA TRP A 280 17.36 2.74 2.47
C TRP A 280 17.03 2.79 1.01
N ASN A 281 16.96 1.62 0.36
CA ASN A 281 16.83 1.59 -1.08
C ASN A 281 15.37 1.53 -1.56
N HIS A 282 14.42 1.56 -0.61
CA HIS A 282 13.01 1.73 -0.96
C HIS A 282 12.19 2.34 0.22
N SER A 283 10.92 2.64 -0.04
CA SER A 283 10.03 3.28 0.96
C SER A 283 9.17 2.23 1.67
N VAL A 284 8.52 2.65 2.75
CA VAL A 284 7.59 1.82 3.49
C VAL A 284 6.24 2.54 3.65
N PHE A 285 5.14 1.79 3.75
CA PHE A 285 3.87 2.43 4.17
C PHE A 285 3.97 2.95 5.60
N ASP A 286 3.37 4.12 5.83
CA ASP A 286 3.42 4.74 7.14
C ASP A 286 2.30 4.15 8.04
N VAL A 287 2.54 2.95 8.54
CA VAL A 287 1.54 2.25 9.35
C VAL A 287 1.25 2.97 10.67
N PRO A 288 2.29 3.48 11.37
CA PRO A 288 1.97 4.31 12.55
C PRO A 288 1.03 5.49 12.28
N LEU A 289 1.18 6.22 11.16
CA LEU A 289 0.29 7.34 10.87
C LEU A 289 -1.15 6.80 10.65
N HIS A 290 -1.31 5.69 9.94
CA HIS A 290 -2.67 5.09 9.81
C HIS A 290 -3.37 4.83 11.17
N TYR A 291 -2.65 4.26 12.13
CA TYR A 291 -3.21 4.03 13.46
C TYR A 291 -3.50 5.33 14.22
N ASN A 292 -2.62 6.35 14.09
CA ASN A 292 -2.90 7.67 14.68
C ASN A 292 -4.23 8.24 14.17
N LEU A 293 -4.41 8.21 12.83
CA LEU A 293 -5.63 8.68 12.21
C LEU A 293 -6.88 7.90 12.63
N TYR A 294 -6.75 6.58 12.66
CA TYR A 294 -7.81 5.68 13.13
C TYR A 294 -8.20 6.01 14.58
N ASN A 295 -7.23 6.12 15.49
CA ASN A 295 -7.53 6.46 16.87
C ASN A 295 -8.13 7.86 17.03
N ALA A 296 -7.59 8.86 16.30
CA ALA A 296 -8.14 10.21 16.34
C ALA A 296 -9.62 10.19 15.89
N SER A 297 -9.90 9.46 14.82
CA SER A 297 -11.27 9.38 14.28
C SER A 297 -12.28 8.73 15.23
N ASN A 298 -11.80 8.01 16.25
CA ASN A 298 -12.63 7.30 17.21
C ASN A 298 -12.72 7.97 18.58
N SER A 299 -12.03 9.11 18.72
CA SER A 299 -11.88 9.74 20.02
C SER A 299 -12.85 10.86 20.32
N GLY A 300 -13.77 11.12 19.40
CA GLY A 300 -14.87 12.08 19.63
C GLY A 300 -14.44 13.52 19.93
N GLY A 301 -13.32 13.97 19.36
CA GLY A 301 -12.83 15.34 19.59
C GLY A 301 -11.75 15.37 20.65
N ASN A 302 -11.62 14.29 21.39
CA ASN A 302 -10.67 14.26 22.52
C ASN A 302 -9.23 13.88 22.15
N TYR A 303 -8.95 13.59 20.89
CA TYR A 303 -7.58 13.31 20.51
C TYR A 303 -6.79 14.67 20.55
N ASP A 304 -5.51 14.63 20.91
CA ASP A 304 -4.70 15.87 20.92
C ASP A 304 -4.11 16.06 19.53
N MET A 305 -4.74 16.93 18.75
CA MET A 305 -4.37 17.07 17.33
C MET A 305 -2.94 17.55 17.13
N ALA A 306 -2.38 18.26 18.10
CA ALA A 306 -0.96 18.70 18.03
C ALA A 306 -0.01 17.52 17.95
N LYS A 307 -0.50 16.33 18.34
CA LYS A 307 0.36 15.13 18.38
C LYS A 307 0.09 14.10 17.26
N LEU A 308 -0.70 14.51 16.27
CA LEU A 308 -1.11 13.62 15.17
C LEU A 308 0.04 12.96 14.39
N LEU A 309 1.16 13.66 14.24
CA LEU A 309 2.34 13.11 13.52
C LEU A 309 3.37 12.42 14.40
N ASN A 310 3.18 12.46 15.71
CA ASN A 310 4.18 11.87 16.61
C ASN A 310 4.31 10.36 16.40
N GLY A 311 5.55 9.88 16.30
CA GLY A 311 5.81 8.46 16.21
C GLY A 311 5.61 7.90 14.83
N THR A 312 5.52 8.76 13.82
CA THR A 312 5.24 8.27 12.46
C THR A 312 6.49 8.25 11.60
N VAL A 313 6.40 7.50 10.50
CA VAL A 313 7.51 7.45 9.55
C VAL A 313 7.64 8.82 8.85
N VAL A 314 6.51 9.42 8.49
CA VAL A 314 6.53 10.69 7.78
C VAL A 314 7.19 11.83 8.60
N GLN A 315 7.02 11.82 9.91
CA GLN A 315 7.65 12.82 10.74
C GLN A 315 9.18 12.72 10.72
N LYS A 316 9.69 11.48 10.81
CA LYS A 316 11.12 11.20 10.96
C LYS A 316 11.86 11.02 9.66
N HIS A 317 11.31 10.23 8.74
CA HIS A 317 11.95 9.90 7.45
C HIS A 317 10.98 10.21 6.30
N PRO A 318 10.71 11.49 6.05
CA PRO A 318 9.72 11.83 5.01
C PRO A 318 9.99 11.35 3.60
N MET A 319 11.25 11.18 3.23
CA MET A 319 11.53 10.73 1.86
C MET A 319 11.37 9.23 1.70
N HIS A 320 11.12 8.52 2.82
CA HIS A 320 10.92 7.08 2.73
C HIS A 320 9.53 6.65 3.21
N ALA A 321 8.59 7.61 3.32
CA ALA A 321 7.23 7.33 3.80
C ALA A 321 6.24 7.41 2.68
N VAL A 322 5.48 6.33 2.45
CA VAL A 322 4.26 6.45 1.65
C VAL A 322 3.07 6.56 2.62
N THR A 323 2.37 7.69 2.58
CA THR A 323 1.29 7.96 3.54
C THR A 323 -0.03 7.48 2.99
N PHE A 324 -0.88 6.94 3.85
CA PHE A 324 -2.20 6.48 3.39
C PHE A 324 -3.20 6.65 4.54
N VAL A 325 -4.48 6.68 4.22
CA VAL A 325 -5.53 6.72 5.23
C VAL A 325 -6.06 5.31 5.52
N ASP A 326 -6.42 4.57 4.45
CA ASP A 326 -6.98 3.23 4.62
C ASP A 326 -6.56 2.36 3.44
N ASN A 327 -6.72 1.05 3.56
CA ASN A 327 -6.35 0.16 2.45
C ASN A 327 -7.22 -1.08 2.51
N HIS A 328 -6.90 -2.07 1.69
CA HIS A 328 -7.78 -3.26 1.55
C HIS A 328 -7.79 -4.16 2.78
N ASP A 329 -6.81 -3.99 3.65
CA ASP A 329 -6.73 -4.73 4.89
C ASP A 329 -7.37 -4.01 6.07
N SER A 330 -7.45 -2.68 6.05
CA SER A 330 -8.04 -1.96 7.20
C SER A 330 -9.53 -1.69 6.97
N GLN A 331 -10.03 -2.04 5.79
CA GLN A 331 -11.44 -1.78 5.45
C GLN A 331 -12.34 -2.73 6.25
N PRO A 332 -13.65 -2.36 6.44
CA PRO A 332 -14.52 -3.13 7.34
C PRO A 332 -14.53 -4.64 7.11
N GLY A 333 -14.41 -5.39 8.21
CA GLY A 333 -14.54 -6.84 8.22
C GLY A 333 -13.23 -7.55 7.88
N GLU A 334 -12.28 -6.82 7.29
CA GLU A 334 -10.98 -7.41 6.89
C GLU A 334 -9.95 -7.62 8.02
N SER A 335 -8.81 -8.22 7.65
CA SER A 335 -7.83 -8.81 8.59
C SER A 335 -7.21 -7.80 9.58
N LEU A 336 -7.02 -6.58 9.13
CA LEU A 336 -6.43 -5.53 9.97
C LEU A 336 -7.45 -4.39 10.14
N GLU A 337 -8.72 -4.75 10.18
CA GLU A 337 -9.81 -3.77 10.27
C GLU A 337 -9.50 -2.65 11.25
N SER A 338 -9.42 -1.42 10.75
CA SER A 338 -9.10 -0.23 11.58
C SER A 338 -9.42 0.97 10.71
N PHE A 339 -10.69 1.07 10.33
CA PHE A 339 -11.13 1.94 9.26
C PHE A 339 -11.32 3.34 9.80
N VAL A 340 -10.73 4.35 9.15
CA VAL A 340 -10.87 5.72 9.64
C VAL A 340 -12.34 6.20 9.45
N GLN A 341 -12.96 6.67 10.54
CA GLN A 341 -14.39 7.06 10.52
C GLN A 341 -14.69 8.16 9.50
N GLU A 342 -15.87 8.08 8.89
CA GLU A 342 -16.21 8.93 7.78
C GLU A 342 -16.07 10.44 8.06
N TRP A 343 -16.47 10.91 9.25
CA TRP A 343 -16.38 12.35 9.51
C TRP A 343 -14.90 12.87 9.48
N PHE A 344 -13.95 12.03 9.91
CA PHE A 344 -12.53 12.43 10.01
C PHE A 344 -11.80 12.25 8.69
N LYS A 345 -12.39 11.49 7.78
CA LYS A 345 -11.70 11.07 6.58
C LYS A 345 -11.21 12.26 5.69
N PRO A 346 -12.04 13.30 5.47
CA PRO A 346 -11.53 14.48 4.73
C PRO A 346 -10.37 15.19 5.44
N LEU A 347 -10.36 15.19 6.77
CA LEU A 347 -9.22 15.74 7.54
C LEU A 347 -7.96 14.94 7.31
N ALA A 348 -8.08 13.60 7.35
CA ALA A 348 -6.93 12.70 7.10
C ALA A 348 -6.39 12.89 5.68
N TYR A 349 -7.27 13.00 4.70
CA TYR A 349 -6.82 13.25 3.32
C TYR A 349 -6.14 14.63 3.14
N ALA A 350 -6.66 15.67 3.80
CA ALA A 350 -6.01 16.98 3.73
C ALA A 350 -4.62 16.92 4.34
N LEU A 351 -4.48 16.20 5.44
CA LEU A 351 -3.16 16.01 6.04
C LEU A 351 -2.12 15.37 5.09
N ILE A 352 -2.50 14.31 4.37
CA ILE A 352 -1.50 13.64 3.56
C ILE A 352 -1.35 14.27 2.17
N LEU A 353 -2.36 15.00 1.72
CA LEU A 353 -2.33 15.54 0.37
C LEU A 353 -1.77 16.96 0.28
N THR A 354 -1.84 17.76 1.34
CA THR A 354 -1.42 19.17 1.20
C THR A 354 -0.16 19.56 1.95
N ARG A 355 0.48 18.61 2.65
CA ARG A 355 1.78 18.85 3.27
C ARG A 355 2.90 18.44 2.33
N GLU A 356 4.08 19.04 2.47
CA GLU A 356 5.18 18.70 1.55
C GLU A 356 5.83 17.32 1.77
N GLN A 357 5.73 16.78 2.97
CA GLN A 357 6.33 15.49 3.31
C GLN A 357 5.52 14.28 2.87
N GLY A 358 6.25 13.26 2.39
CA GLY A 358 5.71 11.93 2.18
C GLY A 358 5.12 11.82 0.80
N TYR A 359 4.92 10.59 0.34
CA TYR A 359 4.32 10.32 -0.96
C TYR A 359 2.93 9.71 -0.69
N PRO A 360 1.84 10.47 -0.96
CA PRO A 360 0.50 10.03 -0.55
C PRO A 360 -0.22 9.08 -1.50
N SER A 361 -1.10 8.27 -0.90
CA SER A 361 -1.84 7.25 -1.62
C SER A 361 -3.33 7.37 -1.30
N VAL A 362 -4.14 7.45 -2.35
CA VAL A 362 -5.59 7.50 -2.23
C VAL A 362 -6.13 6.07 -2.39
N PHE A 363 -7.08 5.70 -1.53
CA PHE A 363 -7.65 4.37 -1.53
C PHE A 363 -8.91 4.32 -2.42
N TYR A 364 -8.94 3.37 -3.33
CA TYR A 364 -10.12 3.11 -4.16
C TYR A 364 -11.42 3.00 -3.35
N GLY A 365 -11.39 2.23 -2.27
CA GLY A 365 -12.55 2.08 -1.39
C GLY A 365 -13.10 3.38 -0.85
N ASP A 366 -12.21 4.34 -0.54
CA ASP A 366 -12.65 5.67 -0.07
C ASP A 366 -13.24 6.48 -1.24
N TYR A 367 -12.56 6.46 -2.39
CA TYR A 367 -12.89 7.33 -3.50
C TYR A 367 -14.22 6.89 -4.19
N TYR A 368 -14.29 5.60 -4.53
CA TYR A 368 -15.48 5.06 -5.20
C TYR A 368 -16.51 4.37 -4.30
N GLY A 369 -16.19 4.19 -3.02
CA GLY A 369 -17.12 3.54 -2.07
C GLY A 369 -16.86 2.04 -1.87
N ILE A 370 -17.48 1.46 -0.85
CA ILE A 370 -17.47 0.01 -0.63
C ILE A 370 -18.93 -0.41 -0.41
N PRO A 371 -19.67 -0.61 -1.54
CA PRO A 371 -21.14 -0.82 -1.42
C PRO A 371 -21.54 -2.04 -0.62
N THR A 372 -20.69 -3.07 -0.58
CA THR A 372 -20.97 -4.31 0.11
C THR A 372 -21.11 -4.09 1.61
N HIS A 373 -20.38 -3.09 2.12
CA HIS A 373 -20.47 -2.67 3.51
C HIS A 373 -21.10 -1.32 3.34
N SER A 374 -21.29 -0.50 4.34
CA SER A 374 -22.14 0.64 3.89
C SER A 374 -21.42 1.95 3.56
N VAL A 375 -20.28 1.84 2.84
CA VAL A 375 -19.34 2.96 2.68
C VAL A 375 -19.58 3.72 1.40
N PRO A 376 -20.11 4.95 1.52
CA PRO A 376 -20.46 5.76 0.33
C PRO A 376 -19.20 6.23 -0.38
N ALA A 377 -19.30 6.53 -1.66
CA ALA A 377 -18.24 7.17 -2.40
C ALA A 377 -17.89 8.58 -1.86
N MET A 378 -16.61 8.87 -1.62
CA MET A 378 -16.26 10.15 -1.05
C MET A 378 -15.51 11.00 -2.06
N LYS A 379 -15.64 10.58 -3.32
CA LYS A 379 -15.13 11.32 -4.48
C LYS A 379 -15.40 12.82 -4.34
N ALA A 380 -16.63 13.19 -3.99
CA ALA A 380 -17.04 14.62 -3.96
C ALA A 380 -16.23 15.38 -2.90
N LYS A 381 -15.91 14.72 -1.80
CA LYS A 381 -15.10 15.34 -0.73
C LYS A 381 -13.58 15.29 -0.98
N ILE A 382 -13.11 14.29 -1.73
CA ILE A 382 -11.67 14.14 -1.91
C ILE A 382 -11.21 14.97 -3.11
N ASP A 383 -12.07 15.09 -4.13
CA ASP A 383 -11.68 15.82 -5.34
C ASP A 383 -11.15 17.25 -5.11
N PRO A 384 -11.81 18.08 -4.28
CA PRO A 384 -11.25 19.43 -4.10
C PRO A 384 -9.87 19.39 -3.41
N ILE A 385 -9.61 18.34 -2.64
CA ILE A 385 -8.32 18.21 -1.92
C ILE A 385 -7.22 17.78 -2.91
N LEU A 386 -7.57 16.89 -3.82
CA LEU A 386 -6.70 16.53 -4.92
C LEU A 386 -6.35 17.78 -5.81
N GLU A 387 -7.35 18.64 -6.08
CA GLU A 387 -7.13 19.90 -6.81
C GLU A 387 -6.16 20.84 -6.05
N ALA A 388 -6.30 20.94 -4.73
CA ALA A 388 -5.35 21.72 -3.89
C ALA A 388 -3.94 21.20 -3.99
N ARG A 389 -3.79 19.87 -3.96
CA ARG A 389 -2.46 19.27 -4.11
C ARG A 389 -1.90 19.54 -5.50
N GLN A 390 -2.72 19.27 -6.51
CA GLN A 390 -2.29 19.47 -7.89
C GLN A 390 -1.84 20.89 -8.26
N ASN A 391 -2.60 21.89 -7.82
CA ASN A 391 -2.41 23.28 -8.26
C ASN A 391 -1.92 24.28 -7.21
N PHE A 392 -2.11 23.97 -5.92
CA PHE A 392 -1.84 24.96 -4.88
C PHE A 392 -0.76 24.60 -3.85
N ALA A 393 -0.52 23.30 -3.66
CA ALA A 393 0.31 22.84 -2.53
C ALA A 393 1.79 22.86 -2.89
N TYR A 394 2.37 24.06 -2.94
CA TYR A 394 3.78 24.24 -3.38
C TYR A 394 4.47 25.29 -2.51
N GLY A 395 5.78 25.21 -2.38
CA GLY A 395 6.54 26.25 -1.68
C GLY A 395 6.73 25.99 -0.21
N THR A 396 7.41 26.93 0.44
CA THR A 396 7.76 26.85 1.85
C THR A 396 6.50 26.58 2.69
N GLN A 397 6.66 25.66 3.63
CA GLN A 397 5.60 25.23 4.51
C GLN A 397 5.82 25.80 5.88
N HIS A 398 4.73 26.26 6.50
CA HIS A 398 4.73 26.74 7.88
C HIS A 398 3.68 25.93 8.62
N ASP A 399 4.08 25.33 9.74
CA ASP A 399 3.26 24.38 10.51
C ASP A 399 2.75 25.02 11.75
N TYR A 400 1.47 24.79 12.06
CA TYR A 400 0.89 25.28 13.33
C TYR A 400 0.20 24.13 14.05
N PHE A 401 1.01 23.21 14.58
CA PHE A 401 0.51 22.06 15.38
C PHE A 401 0.58 22.46 16.84
N ASP A 402 -0.32 23.35 17.26
CA ASP A 402 -0.14 24.05 18.51
C ASP A 402 -1.41 24.14 19.35
N HIS A 403 -2.37 23.27 19.10
CA HIS A 403 -3.64 23.25 19.83
C HIS A 403 -4.20 21.84 19.76
N HIS A 404 -5.00 21.47 20.76
CA HIS A 404 -5.53 20.09 20.86
C HIS A 404 -6.70 19.79 19.95
N ASN A 405 -7.35 20.85 19.41
CA ASN A 405 -8.41 20.70 18.41
C ASN A 405 -8.02 21.29 17.04
N ILE A 406 -7.57 22.54 17.04
CA ILE A 406 -7.46 23.31 15.81
C ILE A 406 -5.99 23.38 15.37
N ILE A 407 -5.68 22.79 14.23
CA ILE A 407 -4.28 22.80 13.76
C ILE A 407 -4.32 23.25 12.31
N GLY A 408 -3.17 23.67 11.80
CA GLY A 408 -3.12 24.06 10.41
C GLY A 408 -1.70 24.18 9.93
N TRP A 409 -1.57 24.49 8.65
CA TRP A 409 -0.28 24.75 8.02
C TRP A 409 -0.55 25.57 6.76
N THR A 410 0.49 26.27 6.32
CA THR A 410 0.38 27.07 5.10
C THR A 410 1.47 26.68 4.13
N ARG A 411 1.28 27.02 2.86
CA ARG A 411 2.29 26.84 1.83
C ARG A 411 2.41 28.19 1.10
N GLU A 412 3.64 28.64 0.86
CA GLU A 412 3.82 29.99 0.26
C GLU A 412 3.62 30.04 -1.24
N GLY A 413 3.59 28.87 -1.88
CA GLY A 413 3.52 28.84 -3.34
C GLY A 413 4.92 29.00 -3.92
N ASN A 414 5.05 28.73 -5.22
CA ASN A 414 6.29 29.10 -5.95
C ASN A 414 5.98 29.75 -7.31
N THR A 415 7.01 30.24 -7.99
CA THR A 415 6.82 31.02 -9.24
C THR A 415 6.43 30.15 -10.44
N THR A 416 6.95 28.92 -10.48
CA THR A 416 6.34 27.88 -11.32
C THR A 416 5.03 27.51 -10.59
N HIS A 417 3.94 27.20 -11.30
CA HIS A 417 2.59 27.11 -10.64
C HIS A 417 2.04 28.47 -10.18
N PRO A 418 1.45 29.23 -11.10
CA PRO A 418 0.95 30.54 -10.72
C PRO A 418 -0.31 30.41 -9.85
N ASN A 419 -0.51 31.37 -8.96
CA ASN A 419 -1.65 31.35 -8.04
C ASN A 419 -1.56 30.29 -6.95
N SER A 420 -0.43 29.59 -6.90
CA SER A 420 -0.21 28.55 -5.89
C SER A 420 0.02 29.14 -4.49
N GLY A 421 -0.22 28.33 -3.47
CA GLY A 421 -0.20 28.80 -2.07
C GLY A 421 -1.52 28.41 -1.44
N LEU A 422 -1.54 28.12 -0.15
CA LEU A 422 -2.76 27.68 0.52
C LEU A 422 -2.59 27.76 2.02
N ALA A 423 -3.71 27.69 2.73
CA ALA A 423 -3.73 27.55 4.17
C ALA A 423 -4.77 26.44 4.43
N THR A 424 -4.29 25.30 4.97
CA THR A 424 -5.16 24.23 5.50
C THR A 424 -5.39 24.42 6.99
N ILE A 425 -6.66 24.34 7.40
CA ILE A 425 -7.00 24.48 8.81
C ILE A 425 -8.10 23.43 9.14
N MET A 426 -7.97 22.73 10.26
CA MET A 426 -8.91 21.67 10.58
C MET A 426 -9.13 21.64 12.06
N SER A 427 -10.28 21.06 12.47
CA SER A 427 -10.59 20.84 13.88
C SER A 427 -11.27 19.48 14.09
N ASP A 428 -10.82 18.70 15.07
CA ASP A 428 -11.55 17.49 15.46
C ASP A 428 -12.62 17.81 16.50
N GLY A 429 -12.75 19.08 16.86
CA GLY A 429 -13.69 19.52 17.94
C GLY A 429 -14.50 20.74 17.48
N PRO A 430 -14.84 21.66 18.42
CA PRO A 430 -15.56 22.89 17.98
C PRO A 430 -14.74 23.70 16.97
N GLY A 431 -15.45 24.49 16.16
CA GLY A 431 -14.86 25.39 15.15
C GLY A 431 -14.10 26.55 15.76
N GLY A 432 -13.37 27.30 14.94
CA GLY A 432 -12.63 28.45 15.44
C GLY A 432 -11.70 29.01 14.39
N GLU A 433 -10.64 29.68 14.83
CA GLU A 433 -9.81 30.45 13.94
C GLU A 433 -8.37 30.32 14.33
N LYS A 434 -7.49 30.62 13.37
CA LYS A 434 -6.07 30.66 13.61
C LYS A 434 -5.38 31.69 12.73
N TRP A 435 -4.50 32.49 13.34
CA TRP A 435 -3.66 33.42 12.59
C TRP A 435 -2.50 32.66 11.96
N MET A 436 -2.34 32.74 10.64
CA MET A 436 -1.25 32.02 9.98
C MET A 436 -0.65 32.84 8.84
N TYR A 437 0.62 32.60 8.58
CA TYR A 437 1.42 33.38 7.63
C TYR A 437 1.43 32.71 6.26
N VAL A 438 0.97 33.40 5.21
CA VAL A 438 1.00 32.82 3.86
C VAL A 438 2.09 33.43 2.92
N GLY A 439 2.77 34.46 3.39
CA GLY A 439 3.79 35.13 2.59
C GLY A 439 3.48 36.60 2.34
N GLN A 440 4.49 37.46 2.54
CA GLN A 440 4.32 38.92 2.37
C GLN A 440 3.82 39.29 1.00
N ASN A 441 4.25 38.58 -0.02
CA ASN A 441 3.83 38.85 -1.39
C ASN A 441 2.35 38.57 -1.70
N LYS A 442 1.59 38.01 -0.76
CA LYS A 442 0.15 37.72 -1.00
C LYS A 442 -0.74 38.82 -0.39
N ALA A 443 -0.11 39.85 0.19
CA ALA A 443 -0.83 41.00 0.76
C ALA A 443 -1.93 41.51 -0.20
N GLY A 444 -3.16 41.61 0.31
CA GLY A 444 -4.29 42.20 -0.39
C GLY A 444 -5.09 41.21 -1.23
N GLN A 445 -4.63 39.96 -1.33
CA GLN A 445 -5.37 38.93 -2.07
C GLN A 445 -6.60 38.47 -1.30
N VAL A 446 -7.60 38.03 -2.06
CA VAL A 446 -8.84 37.55 -1.48
C VAL A 446 -8.87 36.03 -1.72
N TRP A 447 -9.06 35.28 -0.63
CA TRP A 447 -9.00 33.82 -0.64
C TRP A 447 -10.33 33.17 -0.31
N HIS A 448 -10.59 31.99 -0.85
CA HIS A 448 -11.83 31.30 -0.55
C HIS A 448 -11.53 29.83 -0.16
N ASP A 449 -12.52 29.15 0.45
CA ASP A 449 -12.36 27.76 0.89
C ASP A 449 -12.72 26.84 -0.29
N ILE A 450 -11.70 26.22 -0.87
CA ILE A 450 -11.84 25.34 -2.05
C ILE A 450 -12.72 24.12 -1.77
N THR A 451 -12.85 23.74 -0.49
CA THR A 451 -13.74 22.65 -0.14
C THR A 451 -15.22 23.10 -0.16
N GLY A 452 -15.43 24.41 -0.05
CA GLY A 452 -16.77 24.95 0.10
C GLY A 452 -17.40 24.70 1.45
N ASN A 453 -16.63 24.21 2.43
CA ASN A 453 -17.15 23.97 3.78
C ASN A 453 -17.47 25.27 4.52
N LYS A 454 -16.59 26.26 4.38
CA LYS A 454 -16.76 27.59 5.00
C LYS A 454 -17.13 28.56 3.91
N PRO A 455 -18.34 29.15 3.96
CA PRO A 455 -18.57 30.14 2.90
C PRO A 455 -17.89 31.45 3.32
N GLY A 456 -17.68 32.33 2.35
CA GLY A 456 -17.03 33.59 2.63
C GLY A 456 -15.64 33.72 2.07
N THR A 457 -15.01 34.83 2.40
CA THR A 457 -13.68 35.10 1.91
C THR A 457 -12.86 35.63 3.05
N VAL A 458 -11.55 35.68 2.81
CA VAL A 458 -10.59 36.12 3.78
C VAL A 458 -9.62 36.93 2.93
N THR A 459 -9.35 38.16 3.38
CA THR A 459 -8.36 39.01 2.72
C THR A 459 -7.04 38.95 3.49
N ILE A 460 -5.96 38.73 2.76
CA ILE A 460 -4.62 38.62 3.35
C ILE A 460 -4.14 40.04 3.73
N ASN A 461 -3.58 40.19 4.94
CA ASN A 461 -3.21 41.51 5.42
C ASN A 461 -1.91 42.04 4.80
N ALA A 462 -1.52 43.28 5.17
CA ALA A 462 -0.38 43.95 4.56
C ALA A 462 0.93 43.25 4.81
N ASP A 463 0.98 42.45 5.89
CA ASP A 463 2.19 41.72 6.27
C ASP A 463 2.23 40.24 5.81
N GLY A 464 1.15 39.76 5.20
CA GLY A 464 1.09 38.38 4.73
C GLY A 464 0.39 37.43 5.70
N TRP A 465 -0.33 37.98 6.68
CA TRP A 465 -1.10 37.21 7.69
C TRP A 465 -2.59 37.28 7.44
N ALA A 466 -3.32 36.28 7.94
CA ALA A 466 -4.79 36.33 7.94
C ALA A 466 -5.31 35.42 9.04
N ASN A 467 -6.50 35.76 9.54
CA ASN A 467 -7.23 34.94 10.45
C ASN A 467 -8.10 33.96 9.64
N PHE A 468 -7.61 32.73 9.49
CA PHE A 468 -8.36 31.69 8.77
C PHE A 468 -9.35 30.97 9.70
N SER A 469 -10.50 30.54 9.21
CA SER A 469 -11.42 29.89 10.12
C SER A 469 -11.85 28.51 9.63
N VAL A 470 -12.53 27.76 10.50
CA VAL A 470 -12.97 26.41 10.16
C VAL A 470 -14.18 26.03 11.01
N ASN A 471 -15.10 25.26 10.44
CA ASN A 471 -16.23 24.73 11.21
C ASN A 471 -15.80 23.60 12.14
N GLY A 472 -16.66 23.21 13.08
CA GLY A 472 -16.36 22.06 13.97
C GLY A 472 -16.24 20.75 13.20
N GLY A 473 -15.31 19.87 13.63
CA GLY A 473 -15.22 18.52 13.04
C GLY A 473 -15.08 18.57 11.52
N SER A 474 -14.17 19.43 11.05
CA SER A 474 -14.16 19.79 9.64
C SER A 474 -12.76 20.25 9.22
N VAL A 475 -12.57 20.41 7.92
CA VAL A 475 -11.37 20.98 7.34
C VAL A 475 -11.78 22.06 6.32
N SER A 476 -10.99 23.14 6.28
CA SER A 476 -11.11 24.13 5.25
C SER A 476 -9.75 24.31 4.59
N ILE A 477 -9.73 24.50 3.29
CA ILE A 477 -8.46 24.73 2.60
C ILE A 477 -8.56 26.03 1.81
N TRP A 478 -7.86 27.07 2.28
CA TRP A 478 -8.02 28.43 1.73
C TRP A 478 -6.98 28.68 0.66
N VAL A 479 -7.47 29.13 -0.50
CA VAL A 479 -6.62 29.46 -1.67
C VAL A 479 -7.12 30.76 -2.34
N LYS A 480 -6.25 31.40 -3.11
CA LYS A 480 -6.61 32.59 -3.90
C LYS A 480 -7.83 32.31 -4.76
N ARG A 481 -8.83 33.17 -4.59
CA ARG A 481 -10.02 33.20 -5.49
C ARG A 481 -9.64 33.83 -6.81
C2 BGC B . 0.38 -4.19 15.56
C3 BGC B . 0.50 -5.24 14.46
C4 BGC B . -0.67 -6.25 14.52
C5 BGC B . -2.04 -5.53 14.63
C6 BGC B . -3.13 -6.52 15.06
C1 BGC B . -0.99 -3.50 15.46
O1 BGC B . -1.12 -2.60 16.54
O2 BGC B . 1.52 -3.34 15.49
O3 BGC B . 1.74 -5.89 14.61
O4 BGC B . -0.60 -7.03 13.34
O5 BGC B . -2.06 -4.44 15.55
O6 BGC B . -4.13 -6.50 14.06
C1 GLC B . -0.50 -8.46 13.57
C2 GLC B . 0.86 -8.95 13.02
C3 GLC B . 0.92 -8.63 11.53
C4 GLC B . -0.23 -9.33 10.81
C5 GLC B . -1.58 -8.96 11.50
C6 GLC B . -2.78 -9.72 10.94
O2 GLC B . 1.86 -8.28 13.71
O3 GLC B . 2.20 -8.87 10.96
O4 GLC B . -0.24 -8.87 9.47
O5 GLC B . -1.53 -9.18 12.91
O6 GLC B . -2.62 -11.07 11.31
C1 AC1 B . -0.14 -9.95 8.51
O2 AC1 B . 2.10 -9.14 8.31
C2 AC1 B . 1.04 -9.67 7.54
C4A AC1 B . -2.61 -10.42 2.26
C3 AC1 B . 0.64 -8.61 6.50
O3 AC1 B . 1.71 -8.53 5.60
C4 AC1 B . -0.72 -8.95 5.81
N4A AC1 B . -1.09 -8.08 4.64
C5 AC1 B . -1.79 -9.06 6.94
O5 AC1 B . -1.35 -10.16 7.78
C6 AC1 B . -3.25 -9.34 6.48
C1B AC1 B . -0.56 -8.42 3.29
C2B AC1 B . -1.62 -8.10 2.20
O2B AC1 B . -1.84 -6.72 2.10
C3B AC1 B . -2.90 -8.92 2.52
O3B AC1 B . -4.04 -8.51 1.81
O4 AC1 B . -3.51 -11.21 3.01
C5B AC1 B . -1.17 -10.79 2.65
C7B AC1 B . -0.32 -9.92 3.25
C6B AC1 B . -0.71 -12.17 2.26
O6B AC1 B . -0.28 -12.07 0.91
C1 GLC B . -4.83 -11.38 2.51
C2 GLC B . -5.85 -11.46 3.68
C3 GLC B . -5.66 -12.75 4.47
C4 GLC B . -5.68 -13.97 3.54
C5 GLC B . -4.71 -13.78 2.36
C6 GLC B . -4.67 -14.92 1.34
O2 GLC B . -5.74 -10.33 4.50
O3 GLC B . -6.60 -12.87 5.53
O4 GLC B . -5.21 -15.09 4.29
O5 GLC B . -4.91 -12.54 1.68
O6 GLC B . -5.92 -14.97 0.72
C1 GLC B . -6.25 -15.85 4.97
C2 GLC B . -5.59 -16.59 6.13
C3 GLC B . -4.71 -17.71 5.60
C4 GLC B . -5.58 -18.65 4.73
C5 GLC B . -6.17 -17.84 3.56
C6 GLC B . -6.98 -18.70 2.57
O2 GLC B . -4.72 -15.76 6.88
O3 GLC B . -4.08 -18.33 6.71
O4 GLC B . -4.89 -19.78 4.23
O5 GLC B . -6.95 -16.75 4.10
O6 GLC B . -8.12 -19.24 3.23
C1 GLC B . -5.01 -20.93 5.11
C2 GLC B . -3.64 -21.64 5.24
C3 GLC B . -3.26 -22.37 3.92
C4 GLC B . -4.40 -23.28 3.46
C5 GLC B . -5.71 -22.48 3.42
C6 GLC B . -6.96 -23.26 3.03
O2 GLC B . -2.63 -20.75 5.68
O3 GLC B . -2.08 -23.14 4.00
O4 GLC B . -4.08 -23.73 2.16
O5 GLC B . -5.98 -21.91 4.69
O6 GLC B . -7.81 -22.30 2.40
C1 AC1 B . -3.54 -25.08 2.14
O2 AC1 B . -1.63 -24.41 0.68
C2 AC1 B . -2.73 -25.31 0.85
C4A AC1 B . -8.00 -27.78 -4.15
C3 AC1 B . -3.67 -25.30 -0.37
O3 AC1 B . -2.92 -25.63 -1.51
C4 AC1 B . -4.82 -26.34 -0.15
N4A AC1 B . -5.74 -26.51 -1.29
C5 AC1 B . -5.56 -26.10 1.19
O5 AC1 B . -4.56 -26.07 2.24
C6 AC1 B . -6.62 -27.17 1.55
C1B AC1 B . -5.82 -27.81 -2.02
C2B AC1 B . -5.48 -27.62 -3.52
O2B AC1 B . -4.25 -26.96 -3.70
C3B AC1 B . -6.67 -26.96 -4.31
O3B AC1 B . -6.33 -26.68 -5.66
O4 AC1 B . -9.11 -26.87 -4.15
C5B AC1 B . -8.07 -28.62 -2.88
C7B AC1 B . -7.18 -28.44 -1.87
C6B AC1 B . -9.16 -29.67 -2.80
O6B AC1 B . -8.62 -30.93 -2.42
CA CA C . 8.36 -16.27 4.87
CA CA D . 14.97 -21.32 5.04
CA CA E . -9.02 17.30 20.00
NA NA F . 11.19 -19.08 4.61
#